data_2ZRP
#
_entry.id   2ZRP
#
_cell.length_a   103.750
_cell.length_b   103.750
_cell.length_c   74.570
_cell.angle_alpha   90.00
_cell.angle_beta   90.00
_cell.angle_gamma   120.00
#
_symmetry.space_group_name_H-M   'P 61'
#
loop_
_entity.id
_entity.type
_entity.pdbx_description
1 polymer 'Protein recA'
2 non-polymer "2'-DEOXYADENOSINE 5'-TRIPHOSPHATE"
3 water water
#
_entity_poly.entity_id   1
_entity_poly.type   'polypeptide(L)'
_entity_poly.pdbx_seq_one_letter_code
;MAQQAPDREKALELAMAQIDKNFGKGSVMRLGEEVRQPISVIPTGSISLDVALGIGGLPRGRVIEIYGPESSGKTTVALH
AVANAQAAGGIAAFIDAEHALDPEYAKKLGVDTDSLLVSQPDTGEQALEIADMLVRSGALDIIVIDSVAALVPRAEIEGE
MGDSHVGLQARLMSQALRKMTGALNNSGTTAIFINQLREKIGVMFGSPETTTGGKALKFYASVRLDVRRIETLKDGTDAV
GNRTRVKVVKNKVSPPFKQAEFDILYGQGISREGSLIDMGVEHGFIRKSGSWFTYEGEQLGQGKENARKFLLENTDVANE
IEKKIKEKLGIGAVVTAEADDVLPAPVDF
;
_entity_poly.pdbx_strand_id   A
#
loop_
_chem_comp.id
_chem_comp.type
_chem_comp.name
_chem_comp.formula
DTP non-polymer '2'-DEOXYADENOSINE 5'-TRIPHOSPHATE' 'C10 H16 N5 O12 P3'
#
# COMPACT_ATOMS: atom_id res chain seq x y z
N PRO A 6 -38.07 -16.15 17.27
CA PRO A 6 -36.93 -15.34 16.79
C PRO A 6 -35.76 -16.25 16.39
N ASP A 7 -35.27 -16.09 15.15
CA ASP A 7 -34.16 -16.92 14.67
C ASP A 7 -32.81 -16.19 14.70
N ARG A 8 -31.80 -16.92 15.14
CA ARG A 8 -30.43 -16.42 15.27
C ARG A 8 -29.84 -15.74 14.06
N GLU A 9 -29.53 -16.52 13.02
CA GLU A 9 -28.94 -15.94 11.83
C GLU A 9 -29.91 -14.91 11.23
N LYS A 10 -31.20 -15.20 11.34
CA LYS A 10 -32.20 -14.30 10.80
C LYS A 10 -32.27 -13.01 11.59
N ALA A 11 -31.72 -13.01 12.81
CA ALA A 11 -31.75 -11.82 13.65
C ALA A 11 -30.40 -11.14 13.75
N LEU A 12 -29.34 -11.85 13.39
CA LEU A 12 -27.99 -11.28 13.43
C LEU A 12 -27.83 -10.31 12.27
N GLU A 13 -28.11 -10.81 11.06
CA GLU A 13 -27.97 -9.98 9.88
C GLU A 13 -28.85 -8.75 9.98
N LEU A 14 -29.95 -8.84 10.72
CA LEU A 14 -30.82 -7.68 10.86
C LEU A 14 -30.02 -6.57 11.54
N ALA A 15 -29.72 -6.76 12.83
CA ALA A 15 -28.95 -5.78 13.61
C ALA A 15 -27.65 -5.42 12.92
N MET A 16 -26.92 -6.44 12.47
CA MET A 16 -25.65 -6.25 11.78
C MET A 16 -25.76 -5.21 10.66
N ALA A 17 -26.81 -5.34 9.86
CA ALA A 17 -27.04 -4.41 8.76
C ALA A 17 -27.50 -3.08 9.35
N GLN A 18 -27.97 -3.15 10.60
CA GLN A 18 -28.44 -1.98 11.30
C GLN A 18 -27.24 -1.17 11.79
N ILE A 19 -26.19 -1.88 12.19
CA ILE A 19 -25.00 -1.21 12.69
C ILE A 19 -24.26 -0.50 11.56
N ASP A 20 -24.29 -1.09 10.37
CA ASP A 20 -23.62 -0.46 9.22
C ASP A 20 -24.31 0.85 8.86
N LYS A 21 -25.64 0.79 8.78
CA LYS A 21 -26.45 1.96 8.45
C LYS A 21 -26.28 3.05 9.51
N ASN A 22 -25.72 2.68 10.66
CA ASN A 22 -25.53 3.64 11.74
C ASN A 22 -24.08 4.14 11.91
N PHE A 23 -23.12 3.44 11.30
CA PHE A 23 -21.73 3.86 11.44
C PHE A 23 -20.87 3.82 10.19
N GLY A 24 -21.15 2.88 9.30
CA GLY A 24 -20.35 2.79 8.09
C GLY A 24 -20.63 1.59 7.23
N LYS A 25 -19.89 1.48 6.15
CA LYS A 25 -20.06 0.37 5.22
C LYS A 25 -19.56 -0.93 5.82
N GLY A 26 -18.47 -0.87 6.58
CA GLY A 26 -17.93 -2.08 7.16
C GLY A 26 -17.57 -2.04 8.62
N SER A 27 -18.42 -1.41 9.42
CA SER A 27 -18.14 -1.33 10.84
C SER A 27 -18.32 -2.66 11.56
N VAL A 28 -18.67 -3.71 10.82
CA VAL A 28 -18.87 -5.04 11.39
C VAL A 28 -18.75 -6.01 10.25
N MET A 29 -17.60 -6.67 10.15
CA MET A 29 -17.40 -7.63 9.08
C MET A 29 -17.28 -9.02 9.65
N ARG A 30 -17.51 -10.01 8.79
CA ARG A 30 -17.43 -11.44 9.14
C ARG A 30 -16.17 -11.82 8.40
N LEU A 31 -15.08 -12.07 9.09
CA LEU A 31 -13.81 -12.41 8.41
C LEU A 31 -13.93 -13.31 7.17
N GLY A 32 -14.95 -14.16 7.12
CA GLY A 32 -15.07 -15.04 5.98
C GLY A 32 -15.43 -14.39 4.67
N GLU A 33 -16.28 -13.38 4.73
CA GLU A 33 -16.75 -12.63 3.58
C GLU A 33 -15.75 -12.36 2.47
N GLU A 34 -16.21 -12.53 1.23
CA GLU A 34 -15.39 -12.26 0.07
C GLU A 34 -15.96 -11.01 -0.60
N VAL A 35 -17.07 -10.53 -0.06
CA VAL A 35 -17.79 -9.36 -0.57
C VAL A 35 -16.90 -8.27 -1.20
N ARG A 36 -17.30 -7.81 -2.38
CA ARG A 36 -16.57 -6.77 -3.09
C ARG A 36 -17.45 -5.98 -4.08
N GLN A 37 -17.66 -4.69 -3.83
CA GLN A 37 -18.46 -3.84 -4.70
C GLN A 37 -18.15 -2.33 -4.65
N PRO A 38 -16.88 -1.98 -4.79
CA PRO A 38 -16.45 -0.58 -4.77
C PRO A 38 -15.34 -0.28 -5.77
N ILE A 39 -14.49 -1.27 -6.04
CA ILE A 39 -13.38 -1.11 -6.98
C ILE A 39 -12.66 0.23 -6.79
N SER A 40 -12.43 0.95 -7.89
CA SER A 40 -11.73 2.23 -7.81
C SER A 40 -10.56 2.13 -6.85
N VAL A 41 -9.57 1.32 -7.20
CA VAL A 41 -8.40 1.13 -6.34
C VAL A 41 -7.11 1.43 -7.07
N ILE A 42 -6.07 1.75 -6.32
CA ILE A 42 -4.76 2.06 -6.89
C ILE A 42 -3.87 0.85 -6.71
N PRO A 43 -3.63 0.09 -7.79
CA PRO A 43 -2.77 -1.10 -7.70
C PRO A 43 -1.47 -0.72 -7.01
N THR A 44 -0.96 -1.57 -6.13
CA THR A 44 0.28 -1.23 -5.46
C THR A 44 1.46 -1.82 -6.19
N GLY A 45 1.20 -2.56 -7.27
CA GLY A 45 2.29 -3.17 -8.00
C GLY A 45 2.75 -4.46 -7.34
N SER A 46 2.00 -4.88 -6.32
CA SER A 46 2.30 -6.12 -5.61
C SER A 46 1.02 -6.90 -5.66
N ILE A 47 0.97 -7.88 -6.55
CA ILE A 47 -0.23 -8.67 -6.70
C ILE A 47 -0.73 -9.29 -5.40
N SER A 48 0.17 -9.98 -4.69
CA SER A 48 -0.20 -10.62 -3.44
C SER A 48 -0.81 -9.63 -2.49
N LEU A 49 -0.25 -8.43 -2.43
CA LEU A 49 -0.77 -7.40 -1.56
C LEU A 49 -2.13 -6.88 -2.05
N ASP A 50 -2.28 -6.79 -3.37
CA ASP A 50 -3.53 -6.33 -3.92
C ASP A 50 -4.67 -7.23 -3.48
N VAL A 51 -4.51 -8.54 -3.59
CA VAL A 51 -5.57 -9.46 -3.18
C VAL A 51 -5.65 -9.46 -1.66
N ALA A 52 -4.52 -9.19 -1.01
CA ALA A 52 -4.44 -9.16 0.44
C ALA A 52 -5.33 -8.08 1.01
N LEU A 53 -5.50 -7.02 0.23
CA LEU A 53 -6.32 -5.92 0.66
C LEU A 53 -7.76 -6.26 0.34
N GLY A 54 -7.94 -7.34 -0.40
CA GLY A 54 -9.26 -7.81 -0.74
C GLY A 54 -10.05 -6.99 -1.76
N ILE A 55 -9.45 -5.94 -2.28
CA ILE A 55 -10.15 -5.12 -3.27
C ILE A 55 -9.26 -4.72 -4.44
N GLY A 56 -8.06 -5.31 -4.51
CA GLY A 56 -7.16 -5.03 -5.61
C GLY A 56 -6.14 -3.94 -5.42
N GLY A 57 -6.40 -3.04 -4.48
CA GLY A 57 -5.48 -1.95 -4.23
C GLY A 57 -5.91 -1.11 -3.05
N LEU A 58 -5.21 -0.01 -2.84
CA LEU A 58 -5.51 0.91 -1.76
C LEU A 58 -6.78 1.58 -2.18
N PRO A 59 -7.78 1.65 -1.29
CA PRO A 59 -9.02 2.30 -1.70
C PRO A 59 -8.69 3.74 -2.11
N ARG A 60 -9.68 4.48 -2.55
CA ARG A 60 -9.48 5.86 -2.94
C ARG A 60 -10.34 6.69 -2.01
N GLY A 61 -9.85 7.88 -1.66
CA GLY A 61 -10.61 8.76 -0.79
C GLY A 61 -10.53 8.38 0.68
N ARG A 62 -9.45 7.71 1.04
CA ARG A 62 -9.26 7.29 2.40
C ARG A 62 -7.82 7.55 2.85
N VAL A 63 -7.62 7.65 4.16
CA VAL A 63 -6.29 7.86 4.72
C VAL A 63 -5.71 6.46 4.95
N ILE A 64 -4.45 6.28 4.57
CA ILE A 64 -3.82 4.97 4.72
C ILE A 64 -2.47 5.07 5.43
N GLU A 65 -2.27 4.21 6.43
CA GLU A 65 -1.01 4.21 7.16
C GLU A 65 -0.16 3.04 6.74
N ILE A 66 1.13 3.29 6.57
CA ILE A 66 2.06 2.26 6.19
C ILE A 66 3.16 2.34 7.22
N TYR A 67 3.13 1.50 8.25
CA TYR A 67 4.19 1.59 9.24
C TYR A 67 5.18 0.44 9.20
N GLY A 68 6.32 0.66 9.82
CA GLY A 68 7.37 -0.35 9.86
C GLY A 68 8.72 0.26 10.18
N PRO A 69 9.76 -0.57 10.40
CA PRO A 69 11.13 -0.15 10.73
C PRO A 69 11.83 0.42 9.51
N GLU A 70 13.03 0.94 9.69
CA GLU A 70 13.79 1.48 8.58
C GLU A 70 14.07 0.38 7.55
N SER A 71 14.22 0.76 6.28
CA SER A 71 14.53 -0.18 5.21
C SER A 71 13.63 -1.40 5.10
N SER A 72 12.32 -1.18 5.24
CA SER A 72 11.33 -2.25 5.17
C SER A 72 10.60 -2.32 3.82
N GLY A 73 10.56 -1.22 3.09
CA GLY A 73 9.87 -1.20 1.82
C GLY A 73 8.72 -0.23 1.79
N LYS A 74 8.26 0.23 2.96
CA LYS A 74 7.15 1.18 3.06
C LYS A 74 7.13 2.22 1.95
N THR A 75 8.11 3.11 1.97
CA THR A 75 8.25 4.17 0.97
C THR A 75 8.14 3.61 -0.46
N THR A 76 8.68 2.42 -0.69
CA THR A 76 8.62 1.81 -2.03
C THR A 76 7.18 1.51 -2.44
N VAL A 77 6.44 0.90 -1.53
CA VAL A 77 5.06 0.60 -1.79
C VAL A 77 4.39 1.91 -2.17
N ALA A 78 4.57 2.93 -1.34
CA ALA A 78 4.00 4.24 -1.59
C ALA A 78 4.42 4.76 -2.94
N LEU A 79 5.72 4.83 -3.19
CA LEU A 79 6.15 5.32 -4.50
C LEU A 79 5.50 4.48 -5.59
N HIS A 80 5.41 3.17 -5.37
CA HIS A 80 4.78 2.30 -6.35
C HIS A 80 3.34 2.74 -6.53
N ALA A 81 2.66 3.05 -5.43
CA ALA A 81 1.28 3.50 -5.51
C ALA A 81 1.22 4.73 -6.39
N VAL A 82 2.13 5.67 -6.16
CA VAL A 82 2.20 6.91 -6.93
C VAL A 82 2.29 6.66 -8.45
N ALA A 83 3.10 5.70 -8.85
CA ALA A 83 3.23 5.39 -10.27
C ALA A 83 1.91 4.94 -10.88
N ASN A 84 1.46 3.75 -10.47
CA ASN A 84 0.22 3.23 -11.01
C ASN A 84 -0.86 4.30 -11.02
N ALA A 85 -0.74 5.25 -10.11
CA ALA A 85 -1.73 6.32 -10.03
C ALA A 85 -1.53 7.33 -11.15
N GLN A 86 -0.30 7.73 -11.39
CA GLN A 86 -0.03 8.69 -12.45
C GLN A 86 -0.30 8.09 -13.80
N ALA A 87 0.22 6.88 -13.98
CA ALA A 87 0.07 6.16 -15.25
C ALA A 87 -1.36 6.25 -15.77
N ALA A 88 -2.34 6.13 -14.90
CA ALA A 88 -3.73 6.22 -15.30
C ALA A 88 -4.23 7.67 -15.12
N GLY A 89 -3.43 8.61 -15.60
CA GLY A 89 -3.75 10.02 -15.52
C GLY A 89 -4.13 10.57 -14.16
N GLY A 90 -3.17 10.63 -13.26
CA GLY A 90 -3.44 11.15 -11.94
C GLY A 90 -2.36 12.10 -11.51
N ILE A 91 -2.64 12.92 -10.52
CA ILE A 91 -1.66 13.88 -10.03
C ILE A 91 -1.23 13.54 -8.61
N ALA A 92 0.07 13.36 -8.39
CA ALA A 92 0.58 13.00 -7.06
C ALA A 92 1.35 14.10 -6.34
N ALA A 93 1.05 14.27 -5.05
CA ALA A 93 1.73 15.27 -4.24
C ALA A 93 2.49 14.57 -3.10
N PHE A 94 3.76 14.92 -2.96
CA PHE A 94 4.64 14.31 -1.98
C PHE A 94 5.11 15.34 -0.96
N ILE A 95 4.54 15.32 0.24
CA ILE A 95 4.95 16.28 1.27
C ILE A 95 6.13 15.72 2.04
N ASP A 96 7.33 16.09 1.62
CA ASP A 96 8.55 15.60 2.25
C ASP A 96 9.03 16.34 3.51
N ALA A 97 9.24 15.61 4.59
CA ALA A 97 9.70 16.25 5.82
C ALA A 97 10.89 15.46 6.36
N GLU A 98 11.31 14.48 5.58
CA GLU A 98 12.47 13.65 5.90
C GLU A 98 13.63 14.09 4.99
N HIS A 99 13.31 14.46 3.75
CA HIS A 99 14.33 14.88 2.80
C HIS A 99 15.17 13.65 2.42
N ALA A 100 14.51 12.51 2.23
CA ALA A 100 15.25 11.29 1.91
C ALA A 100 15.03 10.77 0.50
N LEU A 101 13.98 11.26 -0.14
CA LEU A 101 13.62 10.84 -1.48
C LEU A 101 14.75 10.88 -2.47
N ASP A 102 14.80 9.86 -3.33
CA ASP A 102 15.81 9.72 -4.39
C ASP A 102 15.06 9.53 -5.70
N PRO A 103 14.97 10.60 -6.50
CA PRO A 103 14.29 10.61 -7.80
C PRO A 103 14.76 9.50 -8.73
N GLU A 104 16.05 9.20 -8.70
CA GLU A 104 16.61 8.14 -9.55
C GLU A 104 15.89 6.83 -9.31
N TYR A 105 15.82 6.44 -8.05
CA TYR A 105 15.19 5.20 -7.66
C TYR A 105 13.69 5.28 -7.94
N ALA A 106 13.13 6.46 -7.73
CA ALA A 106 11.71 6.68 -7.96
C ALA A 106 11.34 6.45 -9.40
N LYS A 107 12.02 7.15 -10.30
CA LYS A 107 11.76 7.02 -11.74
C LYS A 107 11.93 5.57 -12.17
N LYS A 108 12.94 4.91 -11.62
CA LYS A 108 13.21 3.52 -11.96
C LYS A 108 12.09 2.62 -11.48
N LEU A 109 11.11 3.17 -10.78
CA LEU A 109 9.98 2.36 -10.32
C LEU A 109 8.75 2.62 -11.19
N GLY A 110 8.75 3.77 -11.85
CA GLY A 110 7.65 4.12 -12.73
C GLY A 110 7.02 5.48 -12.47
N VAL A 111 7.59 6.22 -11.52
CA VAL A 111 7.03 7.52 -11.19
C VAL A 111 7.43 8.57 -12.20
N ASP A 112 6.52 9.54 -12.39
CA ASP A 112 6.78 10.62 -13.29
C ASP A 112 7.24 11.64 -12.29
N THR A 113 8.55 11.91 -12.29
CA THR A 113 9.10 12.86 -11.34
C THR A 113 8.85 14.29 -11.82
N ASP A 114 9.20 14.57 -13.07
CA ASP A 114 9.00 15.90 -13.64
C ASP A 114 7.67 16.48 -13.20
N SER A 115 6.62 15.68 -13.32
CA SER A 115 5.29 16.15 -12.95
C SER A 115 4.86 15.77 -11.53
N LEU A 116 5.84 15.59 -10.64
CA LEU A 116 5.55 15.23 -9.27
C LEU A 116 5.63 16.45 -8.39
N LEU A 117 4.58 16.72 -7.62
CA LEU A 117 4.60 17.87 -6.73
C LEU A 117 5.30 17.56 -5.40
N VAL A 118 6.41 18.23 -5.15
CA VAL A 118 7.15 18.01 -3.94
C VAL A 118 7.08 19.27 -3.11
N SER A 119 6.91 19.11 -1.80
CA SER A 119 6.87 20.24 -0.91
C SER A 119 7.67 19.87 0.30
N GLN A 120 8.51 20.78 0.77
CA GLN A 120 9.30 20.51 1.95
C GLN A 120 8.93 21.49 3.07
N PRO A 121 7.78 21.25 3.69
CA PRO A 121 7.24 22.07 4.78
C PRO A 121 8.32 22.42 5.79
N ASP A 122 8.14 23.56 6.46
CA ASP A 122 9.07 24.01 7.47
C ASP A 122 8.58 23.57 8.87
N THR A 123 7.30 23.69 9.13
CA THR A 123 6.78 23.26 10.42
C THR A 123 5.89 22.05 10.16
N GLY A 124 5.58 21.28 11.19
CA GLY A 124 4.72 20.13 10.99
C GLY A 124 3.30 20.59 10.74
N GLU A 125 2.99 21.74 11.30
CA GLU A 125 1.66 22.33 11.16
C GLU A 125 1.51 22.79 9.73
N GLN A 126 2.61 23.29 9.17
CA GLN A 126 2.63 23.77 7.79
C GLN A 126 2.34 22.61 6.83
N ALA A 127 3.05 21.50 7.04
CA ALA A 127 2.89 20.32 6.19
C ALA A 127 1.43 19.92 6.14
N LEU A 128 0.80 19.76 7.29
CA LEU A 128 -0.61 19.37 7.34
C LEU A 128 -1.54 20.44 6.79
N GLU A 129 -1.06 21.67 6.77
CA GLU A 129 -1.86 22.75 6.23
C GLU A 129 -1.78 22.63 4.73
N ILE A 130 -0.58 22.87 4.20
CA ILE A 130 -0.39 22.80 2.76
C ILE A 130 -0.77 21.46 2.15
N ALA A 131 -0.92 20.43 2.97
CA ALA A 131 -1.30 19.11 2.46
C ALA A 131 -2.80 19.09 2.32
N ASP A 132 -3.49 19.67 3.29
CA ASP A 132 -4.94 19.73 3.27
C ASP A 132 -5.35 20.67 2.16
N MET A 133 -4.70 21.83 2.14
CA MET A 133 -4.98 22.84 1.15
C MET A 133 -4.88 22.22 -0.23
N LEU A 134 -3.81 21.45 -0.42
CA LEU A 134 -3.54 20.77 -1.68
C LEU A 134 -4.65 19.80 -2.05
N VAL A 135 -5.21 19.13 -1.04
CA VAL A 135 -6.28 18.16 -1.27
C VAL A 135 -7.59 18.84 -1.66
N ARG A 136 -8.03 19.81 -0.86
CA ARG A 136 -9.28 20.55 -1.10
C ARG A 136 -9.48 21.04 -2.55
N SER A 137 -8.40 21.09 -3.31
CA SER A 137 -8.50 21.51 -4.71
C SER A 137 -8.99 20.36 -5.58
N GLY A 138 -9.40 19.25 -4.97
CA GLY A 138 -9.88 18.12 -5.75
C GLY A 138 -9.17 17.83 -7.07
N ALA A 139 -7.86 17.84 -7.08
CA ALA A 139 -7.12 17.58 -8.31
C ALA A 139 -6.17 16.40 -8.17
N LEU A 140 -5.74 16.16 -6.93
CA LEU A 140 -4.81 15.10 -6.65
C LEU A 140 -5.47 13.72 -6.52
N ASP A 141 -4.80 12.69 -7.05
CA ASP A 141 -5.30 11.32 -6.98
C ASP A 141 -4.73 10.71 -5.70
N ILE A 142 -3.43 10.86 -5.52
CA ILE A 142 -2.78 10.34 -4.33
C ILE A 142 -1.83 11.37 -3.72
N ILE A 143 -1.59 11.26 -2.41
CA ILE A 143 -0.71 12.19 -1.73
C ILE A 143 -0.07 11.44 -0.58
N VAL A 144 1.26 11.46 -0.58
CA VAL A 144 2.01 10.76 0.44
C VAL A 144 2.79 11.73 1.28
N ILE A 145 2.71 11.52 2.58
CA ILE A 145 3.39 12.35 3.54
C ILE A 145 4.49 11.51 4.18
N ASP A 146 5.74 11.70 3.72
CA ASP A 146 6.85 10.95 4.31
C ASP A 146 6.94 11.48 5.72
N SER A 147 7.21 10.54 6.62
CA SER A 147 7.40 10.79 8.05
C SER A 147 6.48 11.45 9.06
N VAL A 148 5.48 10.72 9.55
CA VAL A 148 4.61 11.23 10.59
C VAL A 148 5.47 11.83 11.70
N ALA A 149 6.56 11.14 12.04
CA ALA A 149 7.47 11.62 13.10
C ALA A 149 8.22 12.91 12.75
N ALA A 150 8.20 13.29 11.47
CA ALA A 150 8.87 14.51 11.02
C ALA A 150 7.98 15.70 11.27
N LEU A 151 6.68 15.45 11.22
CA LEU A 151 5.72 16.50 11.44
C LEU A 151 5.80 16.98 12.88
N VAL A 152 6.86 17.73 13.22
CA VAL A 152 7.00 18.25 14.58
C VAL A 152 6.28 19.57 14.72
N PRO A 153 5.64 19.79 15.88
CA PRO A 153 4.91 21.03 16.11
C PRO A 153 5.75 22.30 15.88
N ARG A 154 5.07 23.43 15.65
CA ARG A 154 5.75 24.70 15.44
C ARG A 154 6.77 24.97 16.54
N ALA A 155 6.35 24.88 17.80
CA ALA A 155 7.29 25.08 18.89
C ALA A 155 8.22 23.87 18.90
N GLU A 156 9.04 23.71 19.94
CA GLU A 156 10.00 22.61 20.00
C GLU A 156 11.06 22.95 18.95
N ILE A 157 10.71 23.92 18.11
CA ILE A 157 11.58 24.46 17.06
C ILE A 157 11.76 25.91 17.52
N GLU A 158 11.44 26.10 18.78
CA GLU A 158 11.53 27.35 19.50
C GLU A 158 11.05 26.99 20.96
N GLY A 159 11.04 27.94 21.90
CA GLY A 159 10.61 27.62 23.27
C GLY A 159 9.34 26.81 23.47
N HIS A 165 5.54 16.03 27.16
CA HIS A 165 5.69 16.85 28.41
C HIS A 165 4.96 18.18 28.27
N VAL A 166 5.59 19.15 27.62
CA VAL A 166 5.01 20.48 27.42
C VAL A 166 4.04 20.56 26.24
N GLY A 167 2.92 19.86 26.35
CA GLY A 167 1.92 19.88 25.29
C GLY A 167 1.57 18.54 24.64
N LEU A 168 1.66 18.52 23.31
CA LEU A 168 1.38 17.32 22.53
C LEU A 168 1.46 17.61 21.04
N GLN A 169 1.75 16.56 20.29
CA GLN A 169 1.84 16.62 18.84
C GLN A 169 0.64 15.83 18.34
N ALA A 170 0.35 14.73 19.00
CA ALA A 170 -0.76 13.88 18.64
C ALA A 170 -2.04 14.72 18.58
N ARG A 171 -1.94 15.96 19.03
CA ARG A 171 -3.08 16.86 19.01
C ARG A 171 -3.08 17.52 17.63
N LEU A 172 -1.88 17.87 17.17
CA LEU A 172 -1.69 18.47 15.87
C LEU A 172 -2.22 17.50 14.82
N MET A 173 -1.84 16.22 14.96
CA MET A 173 -2.32 15.20 14.04
C MET A 173 -3.84 15.12 14.09
N SER A 174 -4.38 14.89 15.29
CA SER A 174 -5.81 14.79 15.44
C SER A 174 -6.50 15.88 14.64
N GLN A 175 -6.36 17.12 15.10
CA GLN A 175 -6.99 18.24 14.44
C GLN A 175 -6.84 18.16 12.91
N ALA A 176 -5.61 18.10 12.42
CA ALA A 176 -5.39 18.00 10.97
C ALA A 176 -6.26 16.93 10.31
N LEU A 177 -6.22 15.71 10.85
CA LEU A 177 -6.99 14.60 10.29
C LEU A 177 -8.47 14.90 10.29
N ARG A 178 -8.98 15.41 11.42
CA ARG A 178 -10.39 15.76 11.53
C ARG A 178 -10.83 16.69 10.40
N LYS A 179 -10.04 17.73 10.13
CA LYS A 179 -10.38 18.68 9.08
C LYS A 179 -10.20 18.02 7.72
N MET A 180 -9.07 17.35 7.54
CA MET A 180 -8.74 16.70 6.28
C MET A 180 -9.49 15.41 5.87
N THR A 181 -9.90 14.60 6.85
CA THR A 181 -10.61 13.35 6.56
C THR A 181 -11.81 13.57 5.67
N GLY A 182 -12.63 14.55 6.04
CA GLY A 182 -13.80 14.82 5.24
C GLY A 182 -13.37 15.02 3.80
N ALA A 183 -12.67 16.12 3.58
CA ALA A 183 -12.18 16.50 2.26
C ALA A 183 -11.72 15.41 1.29
N LEU A 184 -10.64 14.71 1.62
CA LEU A 184 -10.13 13.69 0.72
C LEU A 184 -11.14 12.58 0.51
N ASN A 185 -12.15 12.54 1.36
CA ASN A 185 -13.16 11.51 1.27
C ASN A 185 -14.10 11.76 0.09
N ASN A 186 -14.44 13.01 -0.15
CA ASN A 186 -15.34 13.34 -1.24
C ASN A 186 -14.61 14.09 -2.34
N SER A 187 -13.40 13.62 -2.62
CA SER A 187 -12.57 14.20 -3.66
C SER A 187 -11.85 13.01 -4.29
N GLY A 188 -12.07 11.85 -3.69
CA GLY A 188 -11.47 10.62 -4.16
C GLY A 188 -9.95 10.59 -4.15
N THR A 189 -9.34 11.29 -3.20
CA THR A 189 -7.88 11.33 -3.11
C THR A 189 -7.40 10.48 -1.97
N THR A 190 -6.61 9.47 -2.31
CA THR A 190 -6.07 8.57 -1.32
C THR A 190 -4.88 9.26 -0.63
N ALA A 191 -4.75 9.06 0.68
CA ALA A 191 -3.66 9.66 1.44
C ALA A 191 -2.78 8.66 2.17
N ILE A 192 -1.55 8.51 1.70
CA ILE A 192 -0.59 7.59 2.30
C ILE A 192 0.32 8.30 3.31
N PHE A 193 0.25 7.89 4.58
CA PHE A 193 1.07 8.48 5.65
C PHE A 193 2.23 7.55 6.00
N ILE A 194 3.47 7.87 5.63
CA ILE A 194 4.58 6.98 6.01
C ILE A 194 4.86 7.11 7.50
N ASN A 195 4.97 6.00 8.19
CA ASN A 195 5.23 6.07 9.61
C ASN A 195 6.40 5.20 10.03
N GLN A 196 7.63 5.68 9.85
CA GLN A 196 8.84 4.93 10.21
C GLN A 196 9.20 4.95 11.67
N LEU A 197 9.09 3.81 12.35
CA LEU A 197 9.41 3.70 13.76
C LEU A 197 9.09 2.30 14.25
N ARG A 198 9.40 2.06 15.52
CA ARG A 198 9.16 0.78 16.19
C ARG A 198 8.69 0.99 17.65
N THR A 212 4.52 8.08 19.51
CA THR A 212 4.36 9.27 18.61
C THR A 212 2.93 9.83 18.68
N GLY A 213 2.62 10.72 17.74
CA GLY A 213 1.30 11.32 17.70
C GLY A 213 0.30 10.53 16.89
N GLY A 214 0.74 9.39 16.37
CA GLY A 214 -0.16 8.57 15.57
C GLY A 214 -1.29 7.96 16.37
N LYS A 215 -1.43 8.36 17.63
CA LYS A 215 -2.49 7.83 18.49
C LYS A 215 -3.86 8.19 17.96
N ALA A 216 -3.89 8.75 16.76
CA ALA A 216 -5.14 9.16 16.13
C ALA A 216 -5.24 8.52 14.76
N LEU A 217 -4.16 8.63 14.01
CA LEU A 217 -4.08 8.08 12.67
C LEU A 217 -4.53 6.64 12.72
N LYS A 218 -4.36 6.00 13.87
CA LYS A 218 -4.74 4.59 14.04
C LYS A 218 -6.24 4.39 13.95
N PHE A 219 -6.99 5.43 14.34
CA PHE A 219 -8.44 5.36 14.29
C PHE A 219 -8.98 6.01 13.05
N TYR A 220 -8.25 6.98 12.51
CA TYR A 220 -8.66 7.68 11.29
C TYR A 220 -8.45 6.84 10.05
N ALA A 221 -7.29 6.21 9.97
CA ALA A 221 -7.00 5.35 8.83
C ALA A 221 -8.09 4.28 8.65
N SER A 222 -8.38 3.96 7.38
CA SER A 222 -9.39 2.96 7.05
C SER A 222 -8.64 1.69 6.69
N VAL A 223 -7.34 1.85 6.50
CA VAL A 223 -6.43 0.76 6.18
C VAL A 223 -5.06 1.03 6.79
N ARG A 224 -4.58 0.09 7.58
CA ARG A 224 -3.29 0.23 8.24
C ARG A 224 -2.38 -0.90 7.86
N LEU A 225 -1.26 -0.58 7.23
CA LEU A 225 -0.31 -1.59 6.80
C LEU A 225 0.89 -1.73 7.74
N ASP A 226 1.29 -2.97 7.98
CA ASP A 226 2.41 -3.28 8.86
C ASP A 226 3.50 -3.95 8.03
N VAL A 227 4.47 -3.17 7.59
CA VAL A 227 5.55 -3.71 6.77
C VAL A 227 6.79 -4.07 7.58
N ARG A 228 7.28 -5.29 7.42
CA ARG A 228 8.50 -5.73 8.11
C ARG A 228 9.37 -6.60 7.21
N ARG A 229 10.67 -6.36 7.25
CA ARG A 229 11.62 -7.07 6.40
C ARG A 229 11.88 -8.49 6.85
N ILE A 230 11.03 -9.40 6.38
CA ILE A 230 11.12 -10.81 6.74
C ILE A 230 12.54 -11.38 6.60
N GLU A 231 13.14 -11.28 5.42
CA GLU A 231 14.51 -11.82 5.24
C GLU A 231 15.18 -11.39 3.93
N THR A 232 16.51 -11.38 3.95
CA THR A 232 17.29 -10.98 2.78
C THR A 232 17.27 -12.01 1.65
N LEU A 233 17.48 -11.55 0.42
CA LEU A 233 17.47 -12.42 -0.75
C LEU A 233 18.86 -12.81 -1.26
N LYS A 234 19.27 -14.04 -0.91
CA LYS A 234 20.56 -14.61 -1.26
C LYS A 234 21.08 -14.29 -2.66
N ASP A 235 20.38 -14.79 -3.68
CA ASP A 235 20.74 -14.58 -5.09
C ASP A 235 22.03 -15.27 -5.52
N GLY A 236 23.11 -15.01 -4.78
CA GLY A 236 24.41 -15.59 -5.08
C GLY A 236 25.51 -15.17 -4.11
N THR A 237 26.50 -14.44 -4.63
CA THR A 237 27.65 -13.96 -3.85
C THR A 237 27.20 -12.96 -2.78
N ASP A 238 26.76 -11.78 -3.21
CA ASP A 238 26.25 -10.77 -2.31
C ASP A 238 24.73 -10.92 -2.46
N ALA A 239 23.96 -9.88 -2.12
CA ALA A 239 22.50 -9.95 -2.28
C ALA A 239 22.01 -8.77 -3.10
N VAL A 240 20.73 -8.82 -3.45
CA VAL A 240 20.10 -7.74 -4.21
C VAL A 240 19.17 -6.94 -3.30
N GLY A 241 17.94 -7.42 -3.21
CA GLY A 241 16.92 -6.80 -2.40
C GLY A 241 16.51 -7.70 -1.24
N ASN A 242 15.38 -7.40 -0.64
CA ASN A 242 14.89 -8.17 0.49
C ASN A 242 13.50 -8.72 0.24
N ARG A 243 13.08 -9.59 1.16
CA ARG A 243 11.77 -10.20 1.11
C ARG A 243 11.03 -9.45 2.21
N THR A 244 9.91 -8.84 1.84
CA THR A 244 9.13 -8.06 2.77
C THR A 244 7.79 -8.73 3.07
N ARG A 245 7.31 -8.57 4.31
CA ARG A 245 6.02 -9.11 4.68
C ARG A 245 5.13 -7.95 5.11
N VAL A 246 3.91 -7.92 4.61
CA VAL A 246 2.98 -6.85 4.95
C VAL A 246 1.76 -7.47 5.60
N LYS A 247 1.40 -7.05 6.81
CA LYS A 247 0.21 -7.61 7.45
C LYS A 247 -0.83 -6.51 7.61
N VAL A 248 -1.90 -6.57 6.84
CA VAL A 248 -2.92 -5.53 6.95
C VAL A 248 -3.73 -5.66 8.26
N VAL A 249 -3.18 -5.12 9.34
CA VAL A 249 -3.79 -5.18 10.64
C VAL A 249 -5.14 -4.50 10.71
N LYS A 250 -5.34 -3.49 9.88
CA LYS A 250 -6.62 -2.79 9.87
C LYS A 250 -7.09 -2.57 8.47
N ASN A 251 -8.34 -2.88 8.22
CA ASN A 251 -8.91 -2.72 6.90
C ASN A 251 -10.39 -2.56 7.07
N LYS A 252 -10.89 -1.38 6.75
CA LYS A 252 -12.31 -1.14 6.89
C LYS A 252 -13.12 -1.30 5.61
N VAL A 253 -12.49 -1.78 4.54
CA VAL A 253 -13.21 -2.01 3.29
C VAL A 253 -13.39 -3.51 3.14
N SER A 254 -12.38 -4.28 3.53
CA SER A 254 -12.44 -5.74 3.44
C SER A 254 -12.09 -6.36 4.78
N PRO A 255 -12.11 -7.70 4.86
CA PRO A 255 -11.77 -8.35 6.12
C PRO A 255 -10.26 -8.16 6.41
N PRO A 256 -9.91 -7.73 7.63
CA PRO A 256 -8.49 -7.53 7.96
C PRO A 256 -7.68 -8.78 8.26
N PHE A 257 -6.50 -8.54 8.80
CA PHE A 257 -5.54 -9.56 9.19
C PHE A 257 -5.04 -10.44 8.08
N LYS A 258 -5.15 -9.99 6.83
CA LYS A 258 -4.63 -10.78 5.71
C LYS A 258 -3.13 -10.49 5.65
N GLN A 259 -2.35 -11.37 5.04
CA GLN A 259 -0.91 -11.14 4.93
C GLN A 259 -0.46 -11.20 3.48
N ALA A 260 0.78 -10.77 3.22
CA ALA A 260 1.29 -10.78 1.86
C ALA A 260 2.79 -10.57 1.81
N GLU A 261 3.48 -11.45 1.10
CA GLU A 261 4.92 -11.33 0.98
C GLU A 261 5.22 -11.01 -0.47
N PHE A 262 6.40 -10.42 -0.73
CA PHE A 262 6.83 -10.09 -2.08
C PHE A 262 8.28 -9.64 -2.05
N ASP A 263 8.98 -9.80 -3.18
CA ASP A 263 10.40 -9.42 -3.25
C ASP A 263 10.62 -7.97 -3.71
N ILE A 264 11.67 -7.35 -3.18
CA ILE A 264 12.03 -5.98 -3.55
C ILE A 264 13.48 -5.93 -3.98
N LEU A 265 13.76 -6.09 -5.28
CA LEU A 265 15.13 -6.05 -5.77
C LEU A 265 15.71 -4.68 -5.48
N TYR A 266 16.94 -4.62 -5.02
CA TYR A 266 17.57 -3.35 -4.71
C TYR A 266 17.94 -2.61 -5.99
N GLY A 267 17.24 -1.50 -6.25
CA GLY A 267 17.53 -0.71 -7.42
C GLY A 267 16.50 -0.85 -8.54
N GLN A 268 15.53 -1.73 -8.35
CA GLN A 268 14.48 -1.97 -9.34
C GLN A 268 13.10 -1.85 -8.70
N GLY A 269 13.05 -2.01 -7.38
CA GLY A 269 11.79 -1.92 -6.67
C GLY A 269 11.11 -3.27 -6.53
N ILE A 270 9.78 -3.25 -6.40
CA ILE A 270 9.00 -4.48 -6.27
C ILE A 270 9.05 -5.33 -7.52
N SER A 271 9.18 -6.64 -7.35
CA SER A 271 9.26 -7.55 -8.51
C SER A 271 7.95 -8.17 -8.93
N ARG A 272 7.33 -7.60 -9.95
CA ARG A 272 6.07 -8.11 -10.45
C ARG A 272 6.28 -9.58 -10.77
N GLU A 273 7.31 -9.86 -11.56
CA GLU A 273 7.66 -11.22 -11.96
C GLU A 273 7.68 -12.16 -10.76
N GLY A 274 8.47 -11.80 -9.76
CA GLY A 274 8.57 -12.61 -8.56
C GLY A 274 7.21 -12.83 -7.92
N SER A 275 6.28 -11.93 -8.17
CA SER A 275 4.93 -12.07 -7.61
C SER A 275 4.21 -13.23 -8.31
N LEU A 276 4.26 -13.26 -9.63
CA LEU A 276 3.60 -14.31 -10.42
C LEU A 276 4.00 -15.73 -10.04
N ILE A 277 5.23 -15.91 -9.57
CA ILE A 277 5.68 -17.24 -9.19
C ILE A 277 5.18 -17.55 -7.80
N ASP A 278 5.67 -16.83 -6.79
CA ASP A 278 5.23 -17.07 -5.42
C ASP A 278 3.72 -17.27 -5.42
N MET A 279 3.03 -16.53 -6.29
CA MET A 279 1.58 -16.58 -6.42
C MET A 279 1.13 -17.67 -7.38
N GLY A 280 1.91 -17.90 -8.44
CA GLY A 280 1.58 -18.90 -9.43
C GLY A 280 1.60 -20.32 -8.91
N VAL A 281 2.47 -20.60 -7.94
CA VAL A 281 2.56 -21.94 -7.36
C VAL A 281 1.55 -22.17 -6.24
N GLU A 282 1.17 -21.10 -5.55
CA GLU A 282 0.21 -21.20 -4.46
C GLU A 282 -1.18 -21.46 -5.05
N HIS A 283 -1.25 -21.40 -6.38
CA HIS A 283 -2.51 -21.64 -7.08
C HIS A 283 -2.44 -22.70 -8.19
N GLY A 284 -1.36 -23.46 -8.17
CA GLY A 284 -1.18 -24.53 -9.15
C GLY A 284 -1.04 -24.19 -10.62
N PHE A 285 -0.98 -22.91 -10.99
CA PHE A 285 -0.84 -22.56 -12.39
C PHE A 285 0.55 -22.91 -12.90
N ILE A 286 1.55 -22.81 -12.03
CA ILE A 286 2.93 -23.16 -12.38
C ILE A 286 3.26 -24.33 -11.47
N ARG A 287 4.18 -25.21 -11.87
CA ARG A 287 4.49 -26.35 -11.03
C ARG A 287 5.99 -26.51 -10.81
N LYS A 288 6.35 -27.28 -9.78
CA LYS A 288 7.75 -27.54 -9.46
C LYS A 288 8.08 -29.02 -9.55
N SER A 289 8.90 -29.37 -10.55
CA SER A 289 9.33 -30.75 -10.75
C SER A 289 10.71 -30.96 -10.11
N GLY A 290 10.85 -30.46 -8.88
CA GLY A 290 12.10 -30.58 -8.14
C GLY A 290 12.97 -29.35 -8.36
N SER A 291 12.51 -28.21 -7.89
CA SER A 291 13.24 -26.96 -8.05
C SER A 291 13.46 -26.73 -9.56
N TRP A 292 12.39 -26.98 -10.32
CA TRP A 292 12.39 -26.81 -11.77
C TRP A 292 11.02 -26.30 -12.26
N PHE A 293 10.72 -25.05 -11.93
CA PHE A 293 9.45 -24.39 -12.27
C PHE A 293 9.02 -24.61 -13.73
N THR A 294 7.72 -24.86 -13.92
CA THR A 294 7.15 -25.12 -15.25
C THR A 294 5.71 -24.62 -15.41
N TYR A 295 5.34 -24.31 -16.65
CA TYR A 295 4.01 -23.82 -16.98
C TYR A 295 3.52 -24.35 -18.32
N GLU A 296 2.38 -25.06 -18.30
CA GLU A 296 1.78 -25.65 -19.49
C GLU A 296 2.80 -26.47 -20.30
N GLY A 297 3.44 -27.42 -19.63
CA GLY A 297 4.42 -28.25 -20.31
C GLY A 297 5.84 -27.70 -20.27
N GLU A 298 6.05 -26.56 -20.95
CA GLU A 298 7.37 -25.91 -20.99
C GLU A 298 7.83 -25.47 -19.60
N GLN A 299 9.13 -25.59 -19.35
CA GLN A 299 9.74 -25.23 -18.06
C GLN A 299 10.31 -23.81 -18.11
N LEU A 300 10.39 -23.15 -16.96
CA LEU A 300 10.93 -21.79 -16.91
C LEU A 300 12.38 -21.73 -16.43
N GLY A 301 12.77 -22.68 -15.58
CA GLY A 301 14.13 -22.68 -15.08
C GLY A 301 14.32 -23.48 -13.80
N GLN A 302 15.52 -23.44 -13.24
CA GLN A 302 15.81 -24.18 -12.02
C GLN A 302 16.16 -23.24 -10.87
N GLY A 303 15.18 -22.92 -10.04
CA GLY A 303 15.43 -22.02 -8.93
C GLY A 303 14.78 -20.68 -9.22
N LYS A 304 13.98 -20.21 -8.26
CA LYS A 304 13.26 -18.93 -8.38
C LYS A 304 13.97 -17.85 -9.18
N GLU A 305 15.14 -17.41 -8.72
CA GLU A 305 15.88 -16.36 -9.39
C GLU A 305 16.01 -16.63 -10.89
N ASN A 306 16.15 -17.90 -11.25
CA ASN A 306 16.29 -18.29 -12.66
C ASN A 306 14.98 -18.23 -13.44
N ALA A 307 13.90 -18.60 -12.78
CA ALA A 307 12.57 -18.60 -13.40
C ALA A 307 12.00 -17.19 -13.43
N ARG A 308 12.67 -16.27 -12.73
CA ARG A 308 12.26 -14.87 -12.70
C ARG A 308 12.75 -14.26 -14.00
N LYS A 309 14.03 -14.50 -14.30
CA LYS A 309 14.62 -13.98 -15.52
C LYS A 309 13.79 -14.44 -16.70
N PHE A 310 13.46 -15.74 -16.72
CA PHE A 310 12.67 -16.32 -17.81
C PHE A 310 11.42 -15.49 -18.11
N LEU A 311 10.82 -14.95 -17.07
CA LEU A 311 9.62 -14.14 -17.22
C LEU A 311 9.91 -12.69 -17.57
N LEU A 312 11.12 -12.24 -17.25
CA LEU A 312 11.51 -10.87 -17.55
C LEU A 312 11.85 -10.70 -19.04
N GLU A 313 11.82 -11.80 -19.78
CA GLU A 313 12.11 -11.79 -21.21
C GLU A 313 10.83 -11.99 -22.02
N ASN A 314 10.11 -13.07 -21.73
CA ASN A 314 8.85 -13.34 -22.42
C ASN A 314 7.80 -12.62 -21.60
N THR A 315 7.14 -11.63 -22.20
CA THR A 315 6.13 -10.87 -21.45
C THR A 315 4.69 -11.35 -21.64
N ASP A 316 4.38 -11.87 -22.83
CA ASP A 316 3.01 -12.35 -23.08
C ASP A 316 2.74 -13.63 -22.32
N VAL A 317 3.81 -14.36 -21.98
CA VAL A 317 3.67 -15.59 -21.20
C VAL A 317 3.21 -15.16 -19.82
N ALA A 318 3.82 -14.09 -19.30
CA ALA A 318 3.49 -13.55 -17.99
C ALA A 318 2.12 -12.88 -18.03
N ASN A 319 1.87 -12.16 -19.12
CA ASN A 319 0.61 -11.46 -19.30
C ASN A 319 -0.55 -12.44 -19.24
N GLU A 320 -0.25 -13.72 -19.51
CA GLU A 320 -1.27 -14.76 -19.48
C GLU A 320 -1.45 -15.25 -18.04
N ILE A 321 -0.33 -15.49 -17.35
CA ILE A 321 -0.38 -15.96 -15.97
C ILE A 321 -1.00 -14.85 -15.12
N GLU A 322 -0.56 -13.62 -15.35
CA GLU A 322 -1.10 -12.48 -14.60
C GLU A 322 -2.60 -12.42 -14.89
N LYS A 323 -2.93 -12.61 -16.16
CA LYS A 323 -4.32 -12.59 -16.61
C LYS A 323 -5.12 -13.69 -15.93
N LYS A 324 -4.50 -14.86 -15.79
CA LYS A 324 -5.14 -16.03 -15.19
C LYS A 324 -5.44 -15.93 -13.69
N ILE A 325 -4.59 -15.22 -12.94
CA ILE A 325 -4.80 -15.11 -11.50
C ILE A 325 -5.84 -14.04 -11.13
N LYS A 326 -5.96 -13.02 -11.97
CA LYS A 326 -6.92 -11.93 -11.73
C LYS A 326 -8.31 -12.47 -12.04
N GLU A 327 -8.33 -13.64 -12.65
CA GLU A 327 -9.57 -14.31 -13.00
C GLU A 327 -9.91 -15.33 -11.90
N LYS A 328 -8.89 -15.86 -11.24
CA LYS A 328 -9.11 -16.84 -10.18
C LYS A 328 -9.69 -16.19 -8.91
N LEU A 329 -9.56 -14.85 -8.80
CA LEU A 329 -10.05 -14.13 -7.63
C LEU A 329 -10.73 -12.80 -8.03
N GLY A 330 -11.20 -12.05 -7.02
CA GLY A 330 -11.86 -10.78 -7.27
C GLY A 330 -11.20 -9.86 -8.30
N ILE A 331 -12.00 -9.30 -9.19
CA ILE A 331 -11.51 -8.40 -10.24
C ILE A 331 -12.56 -7.34 -10.63
PG DTP B . 12.24 4.16 5.23
O1G DTP B . 13.57 4.79 5.39
O2G DTP B . 11.59 3.91 6.68
O3G DTP B . 11.28 5.13 4.38
PB DTP B . 11.14 1.93 3.91
O1B DTP B . 9.97 2.81 3.67
O2B DTP B . 10.82 0.86 5.07
O3B DTP B . 12.40 2.76 4.47
PA DTP B . 12.56 2.20 1.58
O1A DTP B . 13.75 3.01 1.91
O2A DTP B . 11.51 2.68 0.45
O3A DTP B . 11.84 1.25 2.64
O5' DTP B . 13.30 1.14 0.62
C5' DTP B . 13.27 -0.28 0.72
C4' DTP B . 14.31 -0.87 -0.23
O4' DTP B . 14.32 -0.12 -1.47
C3' DTP B . 15.74 -0.72 0.30
O3' DTP B . 15.96 -1.80 1.20
C2' DTP B . 16.47 -1.03 -1.01
C1' DTP B . 15.67 -0.19 -2.01
N9 DTP B . 16.16 1.21 -2.00
C8 DTP B . 15.64 2.20 -1.27
N7 DTP B . 16.27 3.33 -1.57
C5 DTP B . 17.15 3.08 -2.55
C6 DTP B . 18.03 3.86 -3.28
N6 DTP B . 18.13 5.17 -3.05
N1 DTP B . 18.80 3.26 -4.20
C2 DTP B . 18.71 1.96 -4.44
N3 DTP B . 17.88 1.19 -3.75
C4 DTP B . 17.05 1.69 -2.84
#